data_3ELU
#
_entry.id   3ELU
#
_cell.length_a   47.749
_cell.length_b   65.968
_cell.length_c   88.677
_cell.angle_alpha   90.00
_cell.angle_beta   90.00
_cell.angle_gamma   90.00
#
_symmetry.space_group_name_H-M   'P 21 21 21'
#
loop_
_entity.id
_entity.type
_entity.pdbx_description
1 polymer Methyltransferase
2 non-polymer S-ADENOSYLMETHIONINE
3 non-polymer 'SULFATE ION'
4 water water
#
_entity_poly.entity_id   1
_entity_poly.type   'polypeptide(L)'
_entity_poly.pdbx_seq_one_letter_code
;MKHHHHHHGKAAGVTLGEVWKRQLNMLGKQEFERYKVSDITEVDRTAARRYLKEGRTDVGISVSRGAAKIRWLHERGYLR
ITGRVLDLGCGRGGWSYYAAAQKEVMSVKGYTLGIEGHEKPIHMQTLGWNIVKFKDKSNVFTMPTEPSDTLLCDIGESSS
NPLVERDRTMKVLENFERWKHVNTENFCVKVLAPYHPDVIEKLERLQLRFGGGIVRVPFSRNSTHEMYYISGARNNITHM
VNTTSRSLLRRMTRPSGKAIIEGDVFLPTGTRSVASEAGTIDHEALKLRVDQIKAEYSKT
;
_entity_poly.pdbx_strand_id   A
#
loop_
_chem_comp.id
_chem_comp.type
_chem_comp.name
_chem_comp.formula
SAM non-polymer S-ADENOSYLMETHIONINE 'C15 H22 N6 O5 S'
SO4 non-polymer 'SULFATE ION' 'O4 S -2'
#
# COMPACT_ATOMS: atom_id res chain seq x y z
N VAL A 14 -11.61 9.87 22.02
CA VAL A 14 -11.00 9.60 23.36
C VAL A 14 -9.57 9.05 23.23
N THR A 15 -9.29 8.31 22.15
CA THR A 15 -7.91 7.96 21.83
C THR A 15 -7.18 9.18 21.27
N LEU A 16 -5.84 9.17 21.33
CA LEU A 16 -5.05 10.24 20.73
C LEU A 16 -5.27 10.33 19.21
N GLY A 17 -5.52 9.19 18.58
CA GLY A 17 -5.83 9.13 17.16
C GLY A 17 -7.06 9.95 16.82
N GLU A 18 -8.11 9.81 17.62
CA GLU A 18 -9.37 10.51 17.39
C GLU A 18 -9.23 12.00 17.60
N VAL A 19 -8.43 12.37 18.59
CA VAL A 19 -8.01 13.74 18.83
C VAL A 19 -7.27 14.30 17.61
N TRP A 20 -6.34 13.52 17.06
CA TRP A 20 -5.63 13.90 15.84
C TRP A 20 -6.60 14.19 14.69
N LYS A 21 -7.53 13.27 14.47
CA LYS A 21 -8.47 13.35 13.35
C LYS A 21 -9.39 14.57 13.47
N ARG A 22 -9.91 14.81 14.68
CA ARG A 22 -10.73 15.97 14.98
C ARG A 22 -10.00 17.29 14.68
N GLN A 23 -8.75 17.40 15.15
CA GLN A 23 -7.95 18.59 14.92
C GLN A 23 -7.61 18.82 13.46
N LEU A 24 -7.32 17.73 12.76
CA LEU A 24 -6.95 17.77 11.35
C LEU A 24 -8.02 18.49 10.52
N ASN A 25 -9.29 18.20 10.84
CA ASN A 25 -10.41 18.71 10.08
C ASN A 25 -10.87 20.10 10.52
N MET A 26 -10.17 20.66 11.50
CA MET A 26 -10.36 22.05 11.96
C MET A 26 -9.30 23.00 11.42
N LEU A 27 -8.28 22.47 10.76
CA LEU A 27 -7.19 23.30 10.25
C LEU A 27 -7.65 24.09 9.03
N GLY A 28 -7.17 25.33 8.90
CA GLY A 28 -7.37 26.09 7.67
C GLY A 28 -6.71 25.41 6.48
N LYS A 29 -7.02 25.87 5.27
CA LYS A 29 -6.41 25.32 4.06
C LYS A 29 -4.88 25.38 4.08
N GLN A 30 -4.33 26.57 4.34
CA GLN A 30 -2.88 26.79 4.39
C GLN A 30 -2.24 25.90 5.46
N GLU A 31 -2.88 25.83 6.63
CA GLU A 31 -2.40 25.04 7.76
C GLU A 31 -2.43 23.54 7.47
N PHE A 32 -3.52 23.06 6.87
CA PHE A 32 -3.65 21.66 6.47
C PHE A 32 -2.57 21.29 5.47
N GLU A 33 -2.37 22.15 4.47
CA GLU A 33 -1.37 21.94 3.44
C GLU A 33 0.05 21.91 4.02
N ARG A 34 0.33 22.83 4.95
CA ARG A 34 1.65 22.90 5.58
C ARG A 34 1.88 21.66 6.45
N TYR A 35 0.83 21.27 7.16
CA TYR A 35 0.88 20.15 8.08
C TYR A 35 1.06 18.81 7.37
N LYS A 36 0.31 18.59 6.29
CA LYS A 36 0.27 17.26 5.68
C LYS A 36 1.63 16.77 5.18
N VAL A 37 2.52 17.71 4.85
CA VAL A 37 3.86 17.37 4.34
C VAL A 37 4.98 17.56 5.38
N SER A 38 4.63 17.99 6.58
CA SER A 38 5.62 18.29 7.62
C SER A 38 6.45 17.08 8.02
N ASP A 39 7.74 17.14 7.70
CA ASP A 39 8.72 16.12 8.08
C ASP A 39 8.45 14.72 7.52
N ILE A 40 7.54 14.60 6.56
CA ILE A 40 7.33 13.32 5.87
C ILE A 40 8.42 13.09 4.83
N THR A 41 8.46 11.89 4.25
CA THR A 41 9.30 11.65 3.09
C THR A 41 8.42 11.67 1.84
N GLU A 42 8.97 12.14 0.73
CA GLU A 42 8.22 12.27 -0.50
C GLU A 42 9.12 11.89 -1.68
N VAL A 43 8.60 11.08 -2.60
CA VAL A 43 9.31 10.90 -3.87
C VAL A 43 8.89 11.99 -4.84
N ASP A 44 9.85 12.43 -5.66
CA ASP A 44 9.56 13.37 -6.73
C ASP A 44 8.97 12.61 -7.90
N ARG A 45 7.71 12.89 -8.21
CA ARG A 45 6.95 12.16 -9.21
C ARG A 45 6.93 12.87 -10.57
N THR A 46 7.71 13.94 -10.71
CA THR A 46 7.63 14.79 -11.90
C THR A 46 7.90 14.05 -13.21
N ALA A 47 8.95 13.24 -13.22
CA ALA A 47 9.32 12.49 -14.42
C ALA A 47 8.27 11.44 -14.76
N ALA A 48 7.87 10.64 -13.76
CA ALA A 48 6.90 9.58 -13.98
C ALA A 48 5.58 10.12 -14.51
N ARG A 49 5.13 11.23 -13.96
CA ARG A 49 3.90 11.90 -14.39
C ARG A 49 3.95 12.38 -15.85
N ARG A 50 5.09 12.90 -16.29
CA ARG A 50 5.22 13.32 -17.69
C ARG A 50 5.20 12.13 -18.66
N TYR A 51 5.82 11.02 -18.27
CA TYR A 51 5.82 9.83 -19.12
C TYR A 51 4.45 9.16 -19.15
N LEU A 52 3.75 9.18 -18.01
CA LEU A 52 2.38 8.69 -17.95
C LEU A 52 1.41 9.52 -18.81
N LYS A 53 1.53 10.84 -18.71
CA LYS A 53 0.76 11.78 -19.53
C LYS A 53 1.04 11.54 -21.02
N GLU A 54 2.32 11.48 -21.36
CA GLU A 54 2.78 11.22 -22.73
C GLU A 54 2.39 9.82 -23.22
N GLY A 55 2.14 8.91 -22.28
CA GLY A 55 1.71 7.55 -22.60
C GLY A 55 2.81 6.62 -23.04
N ARG A 56 4.05 6.95 -22.67
CA ARG A 56 5.20 6.07 -22.91
C ARG A 56 5.09 4.77 -22.12
N THR A 57 5.58 3.67 -22.70
CA THR A 57 5.64 2.39 -22.00
C THR A 57 7.04 1.79 -22.09
N ASP A 58 7.95 2.60 -22.56
CA ASP A 58 9.30 2.20 -22.78
C ASP A 58 10.24 2.70 -21.70
N VAL A 59 9.68 3.40 -20.72
CA VAL A 59 10.40 3.95 -19.63
C VAL A 59 10.06 3.25 -18.29
N GLY A 60 11.07 2.95 -17.52
CA GLY A 60 10.91 2.23 -16.30
C GLY A 60 10.35 3.02 -15.11
N ILE A 61 9.22 3.63 -15.29
CA ILE A 61 8.63 4.42 -14.21
C ILE A 61 7.61 3.59 -13.40
N SER A 62 7.31 4.07 -12.20
CA SER A 62 6.25 3.49 -11.37
C SER A 62 4.94 4.19 -11.64
N VAL A 63 3.88 3.41 -11.81
CA VAL A 63 2.58 3.96 -12.22
C VAL A 63 1.86 4.75 -11.12
N SER A 64 2.38 4.69 -9.90
CA SER A 64 1.79 5.42 -8.77
C SER A 64 2.80 5.79 -7.69
N ARG A 65 2.40 6.77 -6.88
CA ARG A 65 3.19 7.23 -5.75
C ARG A 65 3.28 6.14 -4.66
N GLY A 66 2.28 5.26 -4.60
CA GLY A 66 2.21 4.18 -3.61
C GLY A 66 3.36 3.18 -3.64
N ALA A 67 4.01 3.06 -4.80
CA ALA A 67 5.15 2.17 -4.96
C ALA A 67 6.30 2.50 -4.00
N ALA A 68 6.45 3.79 -3.68
CA ALA A 68 7.45 4.22 -2.67
C ALA A 68 7.19 3.61 -1.30
N LYS A 69 5.92 3.37 -0.95
CA LYS A 69 5.59 2.76 0.35
C LYS A 69 6.11 1.32 0.46
N ILE A 70 5.83 0.52 -0.56
CA ILE A 70 6.26 -0.88 -0.58
C ILE A 70 7.79 -1.04 -0.74
N ARG A 71 8.42 -0.17 -1.54
CA ARG A 71 9.90 -0.12 -1.62
C ARG A 71 10.55 0.12 -0.25
N TRP A 72 10.04 1.11 0.48
CA TRP A 72 10.49 1.39 1.84
C TRP A 72 10.30 0.16 2.73
N LEU A 73 9.10 -0.43 2.70
CA LEU A 73 8.81 -1.59 3.54
C LEU A 73 9.75 -2.74 3.20
N HIS A 74 9.87 -3.03 1.91
CA HIS A 74 10.75 -4.09 1.39
C HIS A 74 12.23 -3.86 1.71
N GLU A 75 12.77 -2.69 1.36
CA GLU A 75 14.19 -2.40 1.53
C GLU A 75 14.60 -2.34 3.00
N ARG A 76 13.68 -1.85 3.84
CA ARG A 76 13.91 -1.81 5.28
C ARG A 76 13.92 -3.20 5.93
N GLY A 77 13.30 -4.17 5.28
CA GLY A 77 13.23 -5.54 5.80
C GLY A 77 11.97 -5.87 6.60
N TYR A 78 10.91 -5.08 6.43
CA TYR A 78 9.63 -5.31 7.11
C TYR A 78 8.81 -6.35 6.38
N LEU A 79 9.22 -6.65 5.15
CA LEU A 79 8.49 -7.51 4.26
C LEU A 79 9.51 -8.19 3.37
N ARG A 80 9.41 -9.51 3.27
CA ARG A 80 10.06 -10.24 2.20
C ARG A 80 9.05 -10.36 1.05
N ILE A 81 9.49 -10.09 -0.17
CA ILE A 81 8.63 -10.26 -1.35
C ILE A 81 9.19 -11.40 -2.20
N THR A 82 8.41 -12.47 -2.30
CA THR A 82 8.90 -13.75 -2.82
C THR A 82 7.78 -14.64 -3.38
N GLY A 83 8.15 -15.54 -4.29
CA GLY A 83 7.24 -16.57 -4.79
C GLY A 83 6.04 -16.03 -5.55
N ARG A 84 4.87 -16.51 -5.17
CA ARG A 84 3.62 -16.11 -5.79
C ARG A 84 3.03 -14.96 -4.99
N VAL A 85 3.00 -13.79 -5.62
CA VAL A 85 2.56 -12.58 -4.97
C VAL A 85 1.13 -12.26 -5.38
N LEU A 86 0.29 -12.00 -4.38
CA LEU A 86 -1.07 -11.52 -4.57
C LEU A 86 -1.18 -10.07 -4.10
N ASP A 87 -1.77 -9.23 -4.95
CA ASP A 87 -1.92 -7.81 -4.67
C ASP A 87 -3.39 -7.42 -4.74
N LEU A 88 -4.00 -7.30 -3.56
CA LEU A 88 -5.43 -7.02 -3.44
C LEU A 88 -5.69 -5.53 -3.35
N GLY A 89 -6.53 -5.02 -4.26
CA GLY A 89 -6.72 -3.58 -4.41
C GLY A 89 -5.51 -2.95 -5.08
N CYS A 90 -5.11 -3.50 -6.22
CA CYS A 90 -3.89 -3.07 -6.91
C CYS A 90 -3.99 -1.69 -7.56
N GLY A 91 -5.22 -1.25 -7.84
CA GLY A 91 -5.44 0.01 -8.57
C GLY A 91 -4.66 0.01 -9.87
N ARG A 92 -3.90 1.09 -10.10
CA ARG A 92 -3.01 1.20 -11.25
C ARG A 92 -1.95 0.12 -11.30
N GLY A 93 -1.51 -0.35 -10.13
CA GLY A 93 -0.60 -1.49 -10.06
C GLY A 93 0.81 -1.17 -9.57
N GLY A 94 0.98 -0.05 -8.89
CA GLY A 94 2.29 0.35 -8.38
C GLY A 94 3.02 -0.66 -7.52
N TRP A 95 2.28 -1.36 -6.66
CA TRP A 95 2.83 -2.43 -5.83
C TRP A 95 3.06 -3.72 -6.64
N SER A 96 2.20 -3.96 -7.63
CA SER A 96 2.30 -5.15 -8.47
C SER A 96 3.56 -5.14 -9.32
N TYR A 97 3.80 -4.03 -10.01
CA TYR A 97 5.01 -3.88 -10.83
C TYR A 97 6.28 -3.86 -9.99
N TYR A 98 6.23 -3.25 -8.81
CA TYR A 98 7.38 -3.27 -7.92
C TYR A 98 7.74 -4.71 -7.58
N ALA A 99 6.74 -5.47 -7.12
CA ALA A 99 6.92 -6.88 -6.76
C ALA A 99 7.48 -7.70 -7.93
N ALA A 100 6.92 -7.50 -9.11
CA ALA A 100 7.34 -8.24 -10.31
C ALA A 100 8.83 -8.05 -10.64
N ALA A 101 9.40 -6.92 -10.21
CA ALA A 101 10.79 -6.60 -10.55
C ALA A 101 11.77 -7.22 -9.58
N GLN A 102 11.25 -7.93 -8.58
CA GLN A 102 12.06 -8.46 -7.48
C GLN A 102 12.59 -9.86 -7.76
N LYS A 103 13.86 -10.07 -7.39
CA LYS A 103 14.63 -11.27 -7.74
C LYS A 103 13.94 -12.59 -7.42
N GLU A 104 13.32 -12.67 -6.25
CA GLU A 104 12.78 -13.94 -5.77
C GLU A 104 11.29 -14.16 -6.09
N VAL A 105 10.68 -13.22 -6.83
CA VAL A 105 9.26 -13.29 -7.21
C VAL A 105 9.11 -14.13 -8.50
N MET A 106 8.11 -15.00 -8.54
CA MET A 106 7.87 -15.85 -9.70
C MET A 106 6.61 -15.45 -10.47
N SER A 107 5.62 -14.92 -9.77
CA SER A 107 4.40 -14.45 -10.39
C SER A 107 3.69 -13.41 -9.54
N VAL A 108 2.95 -12.51 -10.20
CA VAL A 108 2.19 -11.47 -9.52
C VAL A 108 0.78 -11.44 -10.11
N LYS A 109 -0.21 -11.45 -9.22
CA LYS A 109 -1.59 -11.34 -9.62
C LYS A 109 -2.22 -10.20 -8.87
N GLY A 110 -2.66 -9.18 -9.61
CA GLY A 110 -3.29 -7.99 -9.04
C GLY A 110 -4.79 -7.96 -9.29
N TYR A 111 -5.55 -7.70 -8.22
CA TYR A 111 -7.00 -7.63 -8.31
C TYR A 111 -7.50 -6.26 -7.84
N THR A 112 -8.44 -5.68 -8.57
CA THR A 112 -8.97 -4.36 -8.20
C THR A 112 -10.36 -4.14 -8.80
N LEU A 113 -11.14 -3.26 -8.17
CA LEU A 113 -12.50 -2.95 -8.64
C LEU A 113 -12.48 -2.38 -10.05
N GLY A 114 -11.81 -1.25 -10.23
CA GLY A 114 -11.75 -0.61 -11.54
C GLY A 114 -13.10 -0.07 -12.01
N ILE A 115 -14.00 0.15 -11.05
CA ILE A 115 -15.34 0.70 -11.34
C ILE A 115 -15.27 2.22 -11.42
N GLU A 116 -16.42 2.85 -11.69
CA GLU A 116 -16.49 4.30 -11.84
C GLU A 116 -15.83 5.02 -10.67
N GLY A 117 -14.80 5.81 -10.98
CA GLY A 117 -14.08 6.59 -9.97
C GLY A 117 -13.00 5.82 -9.22
N HIS A 118 -12.71 4.60 -9.67
CA HIS A 118 -11.64 3.79 -9.10
C HIS A 118 -10.60 3.56 -10.19
N GLU A 119 -9.32 3.61 -9.81
CA GLU A 119 -8.22 3.45 -10.76
C GLU A 119 -8.23 2.09 -11.43
N LYS A 120 -7.93 2.06 -12.73
CA LYS A 120 -7.78 0.82 -13.47
C LYS A 120 -6.29 0.50 -13.62
N PRO A 121 -5.94 -0.80 -13.71
CA PRO A 121 -4.55 -1.20 -13.97
C PRO A 121 -3.96 -0.55 -15.22
N ILE A 122 -2.75 -0.03 -15.08
CA ILE A 122 -2.04 0.64 -16.18
C ILE A 122 -1.01 -0.33 -16.76
N HIS A 123 -1.01 -0.48 -18.09
CA HIS A 123 0.03 -1.25 -18.76
C HIS A 123 1.39 -0.54 -18.69
N MET A 124 2.40 -1.24 -18.22
CA MET A 124 3.76 -0.72 -18.19
C MET A 124 4.69 -1.89 -18.41
N GLN A 125 5.96 -1.62 -18.70
CA GLN A 125 6.89 -2.68 -19.07
C GLN A 125 8.16 -2.68 -18.21
N THR A 126 8.01 -2.35 -16.94
CA THR A 126 9.10 -2.49 -16.00
C THR A 126 9.41 -3.97 -15.82
N LEU A 127 10.58 -4.24 -15.27
CA LEU A 127 11.12 -5.60 -15.23
C LEU A 127 10.12 -6.59 -14.64
N GLY A 128 9.86 -7.67 -15.36
CA GLY A 128 8.92 -8.70 -14.92
C GLY A 128 7.46 -8.46 -15.27
N TRP A 129 7.19 -7.53 -16.18
CA TRP A 129 5.81 -7.26 -16.61
C TRP A 129 5.15 -8.50 -17.18
N ASN A 130 5.96 -9.37 -17.78
CA ASN A 130 5.46 -10.64 -18.31
C ASN A 130 4.92 -11.61 -17.24
N ILE A 131 5.34 -11.44 -15.97
CA ILE A 131 4.86 -12.33 -14.91
C ILE A 131 3.73 -11.71 -14.08
N VAL A 132 3.24 -10.55 -14.53
CA VAL A 132 2.12 -9.85 -13.88
C VAL A 132 0.84 -10.04 -14.67
N LYS A 133 -0.21 -10.41 -13.97
CA LYS A 133 -1.54 -10.53 -14.56
C LYS A 133 -2.47 -9.66 -13.72
N PHE A 134 -3.27 -8.84 -14.40
CA PHE A 134 -4.24 -7.98 -13.74
C PHE A 134 -5.63 -8.46 -14.08
N LYS A 135 -6.55 -8.32 -13.11
CA LYS A 135 -7.97 -8.50 -13.37
C LYS A 135 -8.74 -7.43 -12.61
N ASP A 136 -9.40 -6.55 -13.35
CA ASP A 136 -10.25 -5.55 -12.73
C ASP A 136 -11.69 -6.08 -12.61
N LYS A 137 -12.64 -5.21 -12.27
CA LYS A 137 -14.00 -5.63 -11.91
C LYS A 137 -13.98 -6.80 -10.93
N SER A 138 -13.02 -6.77 -10.00
CA SER A 138 -12.86 -7.85 -9.03
C SER A 138 -12.97 -7.31 -7.61
N ASN A 139 -14.02 -7.74 -6.92
CA ASN A 139 -14.18 -7.37 -5.52
C ASN A 139 -13.43 -8.38 -4.67
N VAL A 140 -12.31 -7.95 -4.07
CA VAL A 140 -11.47 -8.85 -3.30
C VAL A 140 -12.13 -9.35 -2.01
N PHE A 141 -13.16 -8.64 -1.54
CA PHE A 141 -13.92 -9.03 -0.35
C PHE A 141 -14.88 -10.20 -0.57
N THR A 142 -15.34 -10.38 -1.81
CA THR A 142 -16.34 -11.43 -2.12
C THR A 142 -15.85 -12.54 -3.06
N MET A 143 -14.77 -12.29 -3.80
CA MET A 143 -14.30 -13.22 -4.83
C MET A 143 -13.62 -14.48 -4.23
N PRO A 144 -13.45 -15.55 -5.03
CA PRO A 144 -12.71 -16.71 -4.49
C PRO A 144 -11.25 -16.35 -4.18
N THR A 145 -10.68 -16.97 -3.14
CA THR A 145 -9.27 -16.78 -2.80
C THR A 145 -8.37 -17.74 -3.59
N GLU A 146 -7.07 -17.53 -3.47
CA GLU A 146 -6.09 -18.43 -4.06
C GLU A 146 -4.82 -18.36 -3.23
N PRO A 147 -3.99 -19.41 -3.27
CA PRO A 147 -2.73 -19.36 -2.50
C PRO A 147 -1.79 -18.23 -2.89
N SER A 148 -0.99 -17.79 -1.91
CA SER A 148 0.09 -16.83 -2.15
C SER A 148 1.18 -17.06 -1.12
N ASP A 149 2.42 -16.85 -1.55
CA ASP A 149 3.56 -16.79 -0.64
C ASP A 149 3.65 -15.40 -0.02
N THR A 150 3.25 -14.38 -0.80
CA THR A 150 3.30 -12.98 -0.38
C THR A 150 1.96 -12.34 -0.69
N LEU A 151 1.26 -11.92 0.37
CA LEU A 151 -0.07 -11.33 0.24
C LEU A 151 -0.03 -9.86 0.59
N LEU A 152 -0.38 -9.04 -0.36
CA LEU A 152 -0.39 -7.62 -0.23
C LEU A 152 -1.82 -7.09 -0.38
N CYS A 153 -2.16 -6.12 0.46
CA CYS A 153 -3.42 -5.40 0.37
C CYS A 153 -3.33 -3.92 0.77
N ASP A 154 -3.50 -3.06 -0.19
CA ASP A 154 -3.38 -1.65 0.07
C ASP A 154 -4.69 -0.82 0.17
N ILE A 155 -5.71 -1.47 0.71
CA ILE A 155 -7.07 -0.97 0.70
C ILE A 155 -7.45 -0.26 2.02
N GLY A 156 -8.23 0.80 1.95
CA GLY A 156 -8.65 1.57 3.12
C GLY A 156 -8.89 2.96 2.64
N GLU A 157 -10.15 3.25 2.30
CA GLU A 157 -10.56 4.55 1.77
C GLU A 157 -10.94 5.49 2.92
N SER A 158 -10.23 6.62 3.03
CA SER A 158 -10.51 7.61 4.07
C SER A 158 -11.94 8.15 4.02
N SER A 159 -12.41 8.64 5.17
CA SER A 159 -13.73 9.22 5.33
C SER A 159 -13.70 10.22 6.47
N SER A 160 -14.54 11.26 6.40
CA SER A 160 -14.66 12.23 7.49
C SER A 160 -15.34 11.61 8.72
N ASN A 161 -16.07 10.53 8.51
CA ASN A 161 -16.70 9.82 9.61
C ASN A 161 -15.70 8.78 10.15
N PRO A 162 -15.22 8.96 11.39
CA PRO A 162 -14.22 8.06 11.97
C PRO A 162 -14.72 6.63 12.08
N LEU A 163 -16.02 6.45 12.31
CA LEU A 163 -16.62 5.13 12.46
C LEU A 163 -16.68 4.37 11.13
N VAL A 164 -16.87 5.11 10.04
CA VAL A 164 -16.77 4.54 8.69
C VAL A 164 -15.35 4.03 8.45
N GLU A 165 -14.34 4.80 8.84
CA GLU A 165 -12.94 4.35 8.75
C GLU A 165 -12.66 3.11 9.60
N ARG A 166 -13.18 3.10 10.83
CA ARG A 166 -13.09 1.93 11.71
C ARG A 166 -13.63 0.68 11.01
N ASP A 167 -14.85 0.79 10.49
CA ASP A 167 -15.52 -0.33 9.82
C ASP A 167 -14.79 -0.77 8.55
N ARG A 168 -14.28 0.20 7.78
CA ARG A 168 -13.48 -0.11 6.58
C ARG A 168 -12.16 -0.82 6.90
N THR A 169 -11.47 -0.35 7.92
CA THR A 169 -10.28 -1.02 8.46
C THR A 169 -10.59 -2.47 8.88
N MET A 170 -11.67 -2.66 9.63
CA MET A 170 -12.04 -4.00 10.12
C MET A 170 -12.29 -4.98 8.97
N LYS A 171 -12.97 -4.49 7.94
CA LYS A 171 -13.31 -5.28 6.77
C LYS A 171 -12.04 -5.71 6.01
N VAL A 172 -11.08 -4.80 5.88
CA VAL A 172 -9.80 -5.12 5.23
C VAL A 172 -9.07 -6.22 6.00
N LEU A 173 -9.04 -6.11 7.32
CA LEU A 173 -8.35 -7.08 8.18
C LEU A 173 -9.05 -8.43 8.14
N GLU A 174 -10.38 -8.40 8.16
CA GLU A 174 -11.18 -9.62 8.08
C GLU A 174 -10.93 -10.35 6.75
N ASN A 175 -10.91 -9.58 5.67
CA ASN A 175 -10.66 -10.15 4.35
C ASN A 175 -9.24 -10.68 4.15
N PHE A 176 -8.25 -9.99 4.73
CA PHE A 176 -6.88 -10.51 4.79
C PHE A 176 -6.87 -11.92 5.40
N GLU A 177 -7.53 -12.10 6.54
CA GLU A 177 -7.57 -13.41 7.20
C GLU A 177 -8.26 -14.47 6.32
N ARG A 178 -9.28 -14.05 5.56
CA ARG A 178 -9.93 -14.92 4.57
C ARG A 178 -8.98 -15.35 3.43
N TRP A 179 -8.12 -14.43 2.97
CA TRP A 179 -7.24 -14.73 1.83
C TRP A 179 -5.97 -15.48 2.23
N LYS A 180 -5.53 -15.30 3.47
CA LYS A 180 -4.27 -15.88 3.94
C LYS A 180 -4.31 -17.42 3.93
N HIS A 181 -3.33 -18.01 3.23
CA HIS A 181 -3.22 -19.46 3.19
C HIS A 181 -2.10 -19.87 4.13
N VAL A 182 -1.98 -21.17 4.37
CA VAL A 182 -0.93 -21.65 5.28
C VAL A 182 0.47 -21.23 4.81
N ASN A 183 0.69 -21.17 3.50
CA ASN A 183 1.99 -20.80 2.94
C ASN A 183 2.24 -19.29 2.83
N THR A 184 1.26 -18.49 3.26
CA THR A 184 1.36 -17.03 3.18
C THR A 184 2.17 -16.52 4.39
N GLU A 185 3.48 -16.62 4.27
CA GLU A 185 4.39 -16.27 5.35
C GLU A 185 4.71 -14.79 5.34
N ASN A 186 4.57 -14.17 4.17
CA ASN A 186 4.83 -12.76 3.99
C ASN A 186 3.55 -12.01 3.67
N PHE A 187 3.35 -10.87 4.32
CA PHE A 187 2.16 -10.05 4.12
C PHE A 187 2.40 -8.58 4.43
N CYS A 188 1.56 -7.73 3.83
CA CYS A 188 1.55 -6.29 4.04
C CYS A 188 0.14 -5.79 3.79
N VAL A 189 -0.52 -5.36 4.86
CA VAL A 189 -1.93 -5.00 4.84
C VAL A 189 -2.10 -3.60 5.40
N LYS A 190 -2.71 -2.72 4.61
CA LYS A 190 -3.04 -1.38 5.06
C LYS A 190 -4.06 -1.43 6.19
N VAL A 191 -3.75 -0.68 7.24
CA VAL A 191 -4.63 -0.45 8.38
C VAL A 191 -4.92 1.06 8.35
N LEU A 192 -6.03 1.43 7.71
CA LEU A 192 -6.38 2.85 7.51
C LEU A 192 -6.45 3.67 8.80
N ALA A 193 -7.17 3.15 9.78
CA ALA A 193 -7.38 3.85 11.04
C ALA A 193 -7.07 2.91 12.20
N PRO A 194 -5.76 2.77 12.52
CA PRO A 194 -5.25 1.78 13.46
C PRO A 194 -5.55 2.03 14.94
N TYR A 195 -6.03 3.23 15.27
CA TYR A 195 -6.18 3.67 16.67
C TYR A 195 -7.52 3.30 17.34
N HIS A 196 -8.51 2.88 16.56
CA HIS A 196 -9.78 2.45 17.14
C HIS A 196 -9.56 1.19 17.96
N PRO A 197 -10.08 1.16 19.21
CA PRO A 197 -9.99 -0.04 20.05
C PRO A 197 -10.34 -1.38 19.38
N ASP A 198 -11.40 -1.43 18.57
CA ASP A 198 -11.73 -2.66 17.83
C ASP A 198 -10.62 -3.07 16.86
N VAL A 199 -9.97 -2.07 16.25
CA VAL A 199 -8.89 -2.33 15.30
C VAL A 199 -7.63 -2.83 16.02
N ILE A 200 -7.24 -2.13 17.09
CA ILE A 200 -6.14 -2.58 17.97
C ILE A 200 -6.34 -4.04 18.39
N GLU A 201 -7.54 -4.34 18.91
CA GLU A 201 -7.89 -5.68 19.33
C GLU A 201 -7.80 -6.72 18.21
N LYS A 202 -8.29 -6.36 17.02
CA LYS A 202 -8.24 -7.25 15.86
C LYS A 202 -6.80 -7.53 15.47
N LEU A 203 -5.98 -6.49 15.48
CA LEU A 203 -4.56 -6.62 15.16
C LEU A 203 -3.82 -7.51 16.16
N GLU A 204 -4.15 -7.34 17.45
CA GLU A 204 -3.54 -8.15 18.52
C GLU A 204 -3.94 -9.61 18.37
N ARG A 205 -5.19 -9.85 17.99
CA ARG A 205 -5.67 -11.21 17.81
C ARG A 205 -5.04 -11.88 16.59
N LEU A 206 -4.84 -11.11 15.52
CA LEU A 206 -4.14 -11.60 14.35
C LEU A 206 -2.68 -11.95 14.68
N GLN A 207 -2.06 -11.08 15.46
CA GLN A 207 -0.65 -11.22 15.83
C GLN A 207 -0.43 -12.49 16.68
N LEU A 208 -1.40 -12.78 17.55
CA LEU A 208 -1.37 -13.99 18.38
C LEU A 208 -1.31 -15.25 17.52
N ARG A 209 -1.90 -15.19 16.32
CA ARG A 209 -1.97 -16.33 15.41
C ARG A 209 -0.84 -16.32 14.37
N PHE A 210 -0.51 -15.13 13.86
CA PHE A 210 0.32 -14.98 12.66
C PHE A 210 1.59 -14.18 12.88
N GLY A 211 1.79 -13.69 14.10
CA GLY A 211 2.94 -12.86 14.44
C GLY A 211 2.92 -11.54 13.68
N GLY A 212 4.11 -11.07 13.30
CA GLY A 212 4.23 -9.80 12.60
C GLY A 212 4.02 -8.61 13.51
N GLY A 213 3.81 -7.45 12.91
CA GLY A 213 3.71 -6.21 13.65
C GLY A 213 3.17 -5.08 12.80
N ILE A 214 3.13 -3.89 13.38
CA ILE A 214 2.55 -2.74 12.67
C ILE A 214 3.56 -1.59 12.57
N VAL A 215 3.60 -0.95 11.41
CA VAL A 215 4.59 0.10 11.16
C VAL A 215 3.97 1.31 10.44
N ARG A 216 4.49 2.49 10.75
CA ARG A 216 4.16 3.70 10.01
C ARG A 216 5.19 3.89 8.89
N VAL A 217 4.71 4.06 7.67
CA VAL A 217 5.60 4.32 6.53
C VAL A 217 5.79 5.83 6.41
N PRO A 218 7.06 6.30 6.35
CA PRO A 218 7.27 7.76 6.35
C PRO A 218 6.75 8.48 5.11
N PHE A 219 6.43 7.73 4.06
CA PHE A 219 5.85 8.29 2.83
C PHE A 219 4.36 8.60 2.98
N SER A 220 3.75 8.13 4.07
CA SER A 220 2.37 8.48 4.38
C SER A 220 2.35 9.96 4.77
N ARG A 221 1.38 10.69 4.24
CA ARG A 221 1.19 12.09 4.61
C ARG A 221 0.65 12.13 6.03
N ASN A 222 0.89 13.24 6.73
CA ASN A 222 0.37 13.45 8.08
C ASN A 222 -1.16 13.62 8.11
N SER A 223 -1.77 13.73 6.94
CA SER A 223 -3.22 13.82 6.80
C SER A 223 -3.91 12.44 6.85
N THR A 224 -3.11 11.39 7.03
CA THR A 224 -3.64 10.05 7.25
C THR A 224 -2.89 9.38 8.39
N HIS A 225 -3.59 8.56 9.17
CA HIS A 225 -3.00 7.84 10.30
C HIS A 225 -2.74 6.38 9.89
N GLU A 226 -2.84 6.10 8.59
CA GLU A 226 -2.64 4.75 8.05
C GLU A 226 -1.33 4.11 8.53
N MET A 227 -1.41 2.84 8.89
CA MET A 227 -0.21 2.06 9.19
C MET A 227 -0.33 0.72 8.46
N TYR A 228 0.75 -0.07 8.48
CA TYR A 228 0.79 -1.33 7.74
C TYR A 228 1.12 -2.52 8.63
N TYR A 229 0.25 -3.52 8.60
CA TYR A 229 0.43 -4.79 9.29
C TYR A 229 1.32 -5.67 8.41
N ILE A 230 2.50 -5.98 8.92
CA ILE A 230 3.55 -6.59 8.13
C ILE A 230 4.14 -7.81 8.83
N SER A 231 4.74 -8.69 8.02
CA SER A 231 5.17 -10.00 8.49
C SER A 231 6.61 -9.99 9.04
N GLY A 232 7.40 -8.99 8.65
CA GLY A 232 8.85 -9.02 8.84
C GLY A 232 9.40 -8.45 10.12
N ALA A 233 8.52 -7.91 10.96
CA ALA A 233 8.92 -7.42 12.27
C ALA A 233 7.85 -7.73 13.30
N ARG A 234 8.28 -7.96 14.54
CA ARG A 234 7.38 -8.09 15.69
C ARG A 234 7.48 -6.83 16.55
N ASN A 235 6.35 -6.29 16.93
CA ASN A 235 6.31 -5.17 17.85
C ASN A 235 5.01 -5.12 18.64
N ASN A 236 4.97 -4.19 19.58
CA ASN A 236 3.81 -4.00 20.42
C ASN A 236 2.82 -3.11 19.68
N ILE A 237 1.68 -3.68 19.28
CA ILE A 237 0.65 -2.96 18.53
C ILE A 237 0.26 -1.61 19.17
N THR A 238 -0.21 -1.63 20.42
CA THR A 238 -0.63 -0.40 21.13
C THR A 238 0.45 0.67 21.20
N HIS A 239 1.67 0.26 21.51
CA HIS A 239 2.81 1.15 21.56
C HIS A 239 3.11 1.85 20.23
N MET A 240 3.11 1.07 19.14
CA MET A 240 3.44 1.60 17.81
C MET A 240 2.39 2.60 17.36
N VAL A 241 1.12 2.24 17.54
CA VAL A 241 -0.01 3.09 17.19
C VAL A 241 0.02 4.38 18.04
N ASN A 242 0.17 4.23 19.35
CA ASN A 242 0.29 5.40 20.22
C ASN A 242 1.49 6.29 19.87
N THR A 243 2.64 5.65 19.59
CA THR A 243 3.82 6.36 19.12
C THR A 243 3.52 7.18 17.86
N THR A 244 2.77 6.61 16.92
CA THR A 244 2.42 7.34 15.71
C THR A 244 1.44 8.47 16.01
N SER A 245 0.42 8.19 16.82
CA SER A 245 -0.51 9.22 17.27
C SER A 245 0.25 10.43 17.85
N ARG A 246 1.17 10.16 18.77
CA ARG A 246 1.95 11.22 19.41
C ARG A 246 2.83 11.99 18.42
N SER A 247 3.41 11.26 17.46
CA SER A 247 4.19 11.88 16.37
C SER A 247 3.33 12.78 15.45
N LEU A 248 2.16 12.31 15.04
CA LEU A 248 1.26 13.13 14.22
C LEU A 248 0.80 14.39 14.98
N LEU A 249 0.55 14.22 16.28
CA LEU A 249 0.16 15.34 17.13
C LEU A 249 1.29 16.36 17.34
N ARG A 250 2.52 15.88 17.55
CA ARG A 250 3.67 16.76 17.74
C ARG A 250 3.96 17.57 16.48
N ARG A 251 3.95 16.90 15.33
CA ARG A 251 4.08 17.58 14.05
C ARG A 251 2.98 18.62 13.85
N MET A 252 1.78 18.35 14.37
CA MET A 252 0.69 19.31 14.25
C MET A 252 0.93 20.56 15.10
N THR A 253 1.52 20.40 16.29
CA THR A 253 1.85 21.58 17.14
C THR A 253 2.99 22.43 16.57
N ARG A 254 3.90 21.77 15.85
CA ARG A 254 5.09 22.42 15.30
C ARG A 254 5.33 21.91 13.87
N PRO A 255 4.51 22.36 12.91
CA PRO A 255 4.64 21.93 11.51
C PRO A 255 5.82 22.60 10.78
N SER A 256 6.74 21.78 10.26
CA SER A 256 7.90 22.32 9.55
C SER A 256 7.50 22.84 8.17
N GLY A 257 6.43 22.27 7.59
CA GLY A 257 6.01 22.59 6.23
C GLY A 257 6.91 22.04 5.14
N LYS A 258 7.90 21.23 5.54
CA LYS A 258 8.91 20.74 4.61
C LYS A 258 9.06 19.22 4.69
N ALA A 259 9.00 18.57 3.52
CA ALA A 259 9.19 17.13 3.41
C ALA A 259 10.62 16.80 2.99
N ILE A 260 11.05 15.58 3.26
CA ILE A 260 12.32 15.06 2.74
C ILE A 260 12.01 14.48 1.37
N ILE A 261 12.68 15.01 0.34
CA ILE A 261 12.49 14.51 -1.03
C ILE A 261 13.52 13.45 -1.35
N GLU A 262 13.05 12.32 -1.87
CA GLU A 262 13.92 11.25 -2.32
C GLU A 262 13.61 10.88 -3.75
N GLY A 263 14.51 10.15 -4.40
CA GLY A 263 14.31 9.72 -5.78
C GLY A 263 13.15 8.74 -5.87
N ASP A 264 12.40 8.82 -6.97
CA ASP A 264 11.25 7.96 -7.21
C ASP A 264 11.64 6.49 -7.46
N VAL A 265 10.64 5.61 -7.43
CA VAL A 265 10.85 4.19 -7.73
C VAL A 265 11.02 4.04 -9.24
N PHE A 266 12.27 4.06 -9.67
CA PHE A 266 12.60 3.80 -11.05
C PHE A 266 13.14 2.38 -11.16
N LEU A 267 12.71 1.70 -12.21
CA LEU A 267 12.98 0.30 -12.38
C LEU A 267 13.58 0.04 -13.75
N PRO A 268 14.35 -1.06 -13.88
CA PRO A 268 14.72 -1.51 -15.21
C PRO A 268 13.47 -2.02 -15.93
N THR A 269 13.57 -2.16 -17.24
CA THR A 269 12.48 -2.71 -18.02
C THR A 269 12.87 -4.08 -18.54
N GLY A 270 11.89 -4.80 -19.01
CA GLY A 270 12.04 -6.07 -19.67
C GLY A 270 11.33 -7.22 -19.00
N THR A 271 11.45 -8.42 -19.58
CA THR A 271 10.81 -9.60 -19.03
C THR A 271 11.77 -10.38 -18.15
N ARG A 272 11.22 -11.26 -17.30
CA ARG A 272 12.04 -12.19 -16.53
C ARG A 272 11.76 -13.57 -17.09
N SER A 273 12.79 -14.42 -17.10
CA SER A 273 12.83 -15.79 -16.58
C SER A 273 12.36 -15.83 -15.13
N VAL A 274 12.16 -17.04 -14.62
CA VAL A 274 11.36 -17.23 -13.41
C VAL A 274 11.77 -16.26 -12.31
N ILE A 281 8.90 -18.19 -22.87
CA ILE A 281 8.19 -16.91 -22.88
C ILE A 281 7.24 -16.82 -24.06
N ASP A 282 5.95 -16.74 -23.74
CA ASP A 282 4.85 -16.84 -24.70
C ASP A 282 4.38 -15.44 -25.10
N HIS A 283 5.03 -14.88 -26.12
CA HIS A 283 4.78 -13.49 -26.53
C HIS A 283 3.39 -13.28 -27.14
N GLU A 284 2.84 -14.34 -27.75
CA GLU A 284 1.50 -14.31 -28.31
C GLU A 284 0.43 -14.09 -27.23
N ALA A 285 0.49 -14.88 -26.16
CA ALA A 285 -0.45 -14.74 -25.03
C ALA A 285 -0.20 -13.44 -24.25
N LEU A 286 1.05 -12.98 -24.26
CA LEU A 286 1.43 -11.71 -23.64
C LEU A 286 0.79 -10.53 -24.36
N LYS A 287 0.87 -10.53 -25.68
CA LYS A 287 0.25 -9.50 -26.51
C LYS A 287 -1.24 -9.41 -26.20
N LEU A 288 -1.92 -10.56 -26.17
CA LEU A 288 -3.34 -10.62 -25.83
C LEU A 288 -3.63 -10.06 -24.44
N ARG A 289 -2.74 -10.37 -23.49
CA ARG A 289 -2.85 -9.84 -22.13
C ARG A 289 -2.74 -8.31 -22.12
N VAL A 290 -1.82 -7.76 -22.91
CA VAL A 290 -1.61 -6.31 -23.00
C VAL A 290 -2.76 -5.64 -23.77
N ASP A 291 -3.26 -6.33 -24.80
CA ASP A 291 -4.41 -5.86 -25.57
C ASP A 291 -5.60 -5.58 -24.67
N GLN A 292 -5.84 -6.48 -23.71
CA GLN A 292 -6.96 -6.39 -22.78
C GLN A 292 -6.80 -5.25 -21.76
N ILE A 293 -5.58 -5.04 -21.27
CA ILE A 293 -5.31 -3.97 -20.28
C ILE A 293 -5.42 -2.56 -20.90
N SAM B . -0.97 -0.06 -3.90
CA SAM B . -1.57 0.60 -5.09
C SAM B . -0.50 1.25 -5.97
O SAM B . 0.66 1.34 -5.56
OXT SAM B . -0.78 1.65 -7.10
CB SAM B . -2.60 1.63 -4.68
CG SAM B . -3.97 0.99 -4.55
SD SAM B . -5.12 2.14 -3.79
CE SAM B . -5.56 3.12 -5.23
C5' SAM B . -6.54 1.11 -3.32
C4' SAM B . -7.26 0.41 -4.47
O4' SAM B . -8.06 -0.64 -3.95
C3' SAM B . -8.20 1.37 -5.18
O3' SAM B . -7.82 1.45 -6.53
C2' SAM B . -9.57 0.75 -5.03
O2' SAM B . -10.31 0.84 -6.22
C1' SAM B . -9.24 -0.68 -4.70
N9 SAM B . -10.30 -1.35 -3.92
C8 SAM B . -11.01 -0.87 -2.85
N7 SAM B . -11.86 -1.84 -2.44
C5 SAM B . -11.69 -2.93 -3.23
C6 SAM B . -12.28 -4.18 -3.26
N6 SAM B . -13.23 -4.49 -2.38
N1 SAM B . -11.89 -5.08 -4.23
C2 SAM B . -10.90 -4.76 -5.13
N3 SAM B . -10.31 -3.51 -5.09
C4 SAM B . -10.70 -2.62 -4.16
S SO4 C . -5.14 -19.41 7.48
O1 SO4 C . -3.94 -18.61 7.22
O2 SO4 C . -5.14 -20.57 6.58
O3 SO4 C . -5.10 -19.84 8.87
O4 SO4 C . -6.35 -18.61 7.25
S SO4 D . -6.73 29.84 3.18
O1 SO4 D . -6.05 30.21 1.94
O2 SO4 D . -7.97 29.16 2.85
O3 SO4 D . -5.86 28.98 3.98
O4 SO4 D . -7.04 31.04 3.95
S SO4 E . -8.66 -14.12 14.95
O1 SO4 E . -7.27 -13.83 14.56
O2 SO4 E . -8.92 -15.54 14.78
O3 SO4 E . -8.89 -13.75 16.34
O4 SO4 E . -9.58 -13.36 14.11
S SO4 F . 0.90 9.85 -9.02
O1 SO4 F . 1.99 10.61 -8.44
O2 SO4 F . 1.24 9.39 -10.36
O3 SO4 F . 0.60 8.69 -8.17
O4 SO4 F . -0.28 10.70 -9.09
#